data_8EL0
#
_entry.id   8EL0
#
_cell.length_a   97.99
_cell.length_b   136.943
_cell.length_c   38.387
_cell.angle_alpha   90
_cell.angle_beta   90
_cell.angle_gamma   90
#
_symmetry.space_group_name_H-M   'P 21 21 2'
#
loop_
_entity.id
_entity.type
_entity.pdbx_description
1 polymer 'Maltose/maltodextrin-binding periplasmic protein,Induced myeloid leukemia cell differentiation protein Mcl-1'
2 branched alpha-D-glucopyranose-(1-4)-alpha-D-glucopyranose
3 non-polymer '(7R,20P)-18-chloro-1-(4-fluorophenyl)-10-{[(2M)-2-(2-methoxyphenyl)pyrimidin-4-yl]methoxy}-19-methyl-15-[2-(4-methylpiperazin-1-yl)ethyl]-7,8,15,16-tetrahydro-14H-17,20-etheno-9,13-(metheno)-6-oxa-2-thia-3,5,15-triazacyclooctadeca[1,2,3-cd]indene-7-carboxylic acid'
4 water water
#
_entity_poly.entity_id   1
_entity_poly.type   'polypeptide(L)'
_entity_poly.pdbx_seq_one_letter_code
;MAHHHHHHENLYFQGKIEEGKLVIWINGDKGYNGLAEVGKKFEKDTGIKVTVEHPDKLEEKFPQVAATGDGPDIIFWAHD
RFGGYAQSGLLAEITPDKAFQDKLYPFTWDAVRYNGKLIAYPIAVEALSLIYNKDLLPNPPKTWEEIPALDKELKAKGKS
ALMFNLQEPYFTWPLIAADGGYAFKYENGKYDIKDVGVDNAGAKAGLTFLVDLIKNKHMNADTDYSIAEAAFNKGETAMT
INGPWAWSNIDTSKVNYGVTVLPTFKGQPSKPFVGVLSAGINAASPNKELAKEFLENYLLTDEGLEAVNKDKPLGAVALK
SYEEELAKDPRIAATMENAQKGEIMPNIPQMSAFWYAVRTAVINAASGRQTVDEALKDAQTGSELYRQSLEIISRYLREQ
ATGAADTAPMGASGATSRKALETLRRVGDGVQRNHETAFQGMLRKLDIKNEDDVKSLSRVMIHVFSDGVTNWGRIVTLIS
FGAFVAKHLKTINQESCIEPLAESITDVLVRTKRDWLVKQRGWDGFVEFFHV
;
_entity_poly.pdbx_strand_id   A
#
loop_
_chem_comp.id
_chem_comp.type
_chem_comp.name
_chem_comp.formula
GLC D-saccharide, alpha linking alpha-D-glucopyranose 'C6 H12 O6'
WLW non-polymer '(7R,20P)-18-chloro-1-(4-fluorophenyl)-10-{[(2M)-2-(2-methoxyphenyl)pyrimidin-4-yl]methoxy}-19-methyl-15-[2-(4-methylpiperazin-1-yl)ethyl]-7,8,15,16-tetrahydro-14H-17,20-etheno-9,13-(metheno)-6-oxa-2-thia-3,5,15-triazacyclooctadeca[1,2,3-cd]indene-7-carboxylic acid' 'C49 H47 Cl F N7 O5 S'
#
# COMPACT_ATOMS: atom_id res chain seq x y z
N LYS A 16 17.34 -21.93 1.25
CA LYS A 16 16.95 -21.29 0.01
C LYS A 16 17.77 -20.00 -0.17
N ILE A 17 17.66 -19.01 0.75
CA ILE A 17 18.51 -17.82 0.66
C ILE A 17 19.95 -18.20 1.05
N GLU A 18 20.96 -17.79 0.25
CA GLU A 18 22.35 -18.14 0.55
C GLU A 18 22.91 -17.45 1.79
N GLU A 19 23.55 -18.23 2.65
CA GLU A 19 24.21 -17.68 3.84
C GLU A 19 25.57 -17.08 3.43
N GLY A 20 26.02 -16.06 4.15
CA GLY A 20 27.32 -15.45 3.88
C GLY A 20 27.34 -14.32 2.88
N LYS A 21 26.17 -13.79 2.55
CA LYS A 21 26.06 -12.67 1.62
C LYS A 21 24.78 -11.87 1.90
N LEU A 22 24.65 -10.68 1.29
CA LEU A 22 23.43 -9.90 1.43
C LEU A 22 22.90 -9.51 0.07
N VAL A 23 21.66 -9.85 -0.23
CA VAL A 23 21.00 -9.43 -1.47
C VAL A 23 19.98 -8.38 -1.04
N ILE A 24 20.00 -7.20 -1.65
CA ILE A 24 19.09 -6.12 -1.29
C ILE A 24 18.23 -5.74 -2.49
N TRP A 25 16.93 -5.48 -2.27
CA TRP A 25 16.02 -5.00 -3.30
C TRP A 25 15.62 -3.56 -2.93
N ILE A 26 15.68 -2.68 -3.89
CA ILE A 26 15.31 -1.27 -3.73
C ILE A 26 14.72 -0.79 -5.04
N ASN A 27 13.78 0.17 -5.01
CA ASN A 27 13.16 0.67 -6.23
C ASN A 27 14.15 1.37 -7.18
N GLY A 28 13.89 1.23 -8.47
CA GLY A 28 14.70 1.80 -9.54
C GLY A 28 14.78 3.32 -9.58
N ASP A 29 13.93 4.02 -8.81
CA ASP A 29 14.00 5.49 -8.77
C ASP A 29 14.86 6.01 -7.61
N LYS A 30 15.36 5.11 -6.74
CA LYS A 30 16.20 5.51 -5.60
C LYS A 30 17.70 5.41 -5.95
N GLY A 31 18.54 5.85 -5.02
CA GLY A 31 19.99 5.84 -5.21
C GLY A 31 20.62 4.47 -5.00
N TYR A 32 20.32 3.51 -5.89
CA TYR A 32 20.83 2.16 -5.75
C TYR A 32 22.35 2.04 -5.99
N ASN A 33 22.95 2.95 -6.77
CA ASN A 33 24.41 2.97 -6.96
C ASN A 33 25.08 3.52 -5.69
N GLY A 34 24.44 4.48 -5.03
CA GLY A 34 24.90 4.99 -3.75
C GLY A 34 24.80 3.89 -2.68
N LEU A 35 23.70 3.13 -2.68
CA LEU A 35 23.54 2.04 -1.74
C LEU A 35 24.61 0.93 -1.98
N ALA A 36 24.95 0.68 -3.25
CA ALA A 36 25.98 -0.31 -3.60
C ALA A 36 27.37 0.14 -3.11
N GLU A 37 27.62 1.47 -2.97
CA GLU A 37 28.89 2.01 -2.41
C GLU A 37 28.92 1.68 -0.90
N VAL A 38 27.76 1.77 -0.20
CA VAL A 38 27.70 1.37 1.20
C VAL A 38 27.98 -0.15 1.33
N GLY A 39 27.44 -0.93 0.41
CA GLY A 39 27.67 -2.37 0.36
C GLY A 39 29.15 -2.71 0.20
N LYS A 40 29.88 -1.95 -0.64
CA LYS A 40 31.32 -2.18 -0.83
C LYS A 40 32.14 -1.86 0.41
N LYS A 41 31.73 -0.85 1.17
CA LYS A 41 32.37 -0.49 2.43
C LYS A 41 32.16 -1.62 3.47
N PHE A 42 30.96 -2.21 3.50
CA PHE A 42 30.63 -3.33 4.38
C PHE A 42 31.50 -4.54 4.01
N GLU A 43 31.64 -4.81 2.70
CA GLU A 43 32.43 -5.93 2.20
C GLU A 43 33.92 -5.76 2.57
N LYS A 44 34.41 -4.54 2.54
CA LYS A 44 35.80 -4.23 2.87
C LYS A 44 36.11 -4.64 4.32
N ASP A 45 35.16 -4.44 5.24
CA ASP A 45 35.36 -4.81 6.64
C ASP A 45 35.10 -6.27 6.90
N THR A 46 34.02 -6.82 6.37
CA THR A 46 33.56 -8.15 6.72
C THR A 46 33.87 -9.27 5.78
N GLY A 47 34.20 -8.95 4.54
CA GLY A 47 34.36 -9.96 3.51
C GLY A 47 33.04 -10.48 2.96
N ILE A 48 31.91 -9.85 3.35
CA ILE A 48 30.59 -10.27 2.91
C ILE A 48 30.19 -9.42 1.71
N LYS A 49 29.97 -10.07 0.58
CA LYS A 49 29.56 -9.38 -0.63
C LYS A 49 28.06 -8.96 -0.56
N VAL A 50 27.79 -7.70 -0.92
CA VAL A 50 26.45 -7.12 -0.93
C VAL A 50 26.02 -6.86 -2.34
N THR A 51 24.91 -7.43 -2.77
CA THR A 51 24.40 -7.23 -4.12
C THR A 51 23.15 -6.38 -4.03
N VAL A 52 23.11 -5.22 -4.69
CA VAL A 52 21.92 -4.37 -4.73
C VAL A 52 21.21 -4.59 -6.06
N GLU A 53 19.93 -4.93 -6.01
CA GLU A 53 19.13 -5.12 -7.22
C GLU A 53 17.91 -4.18 -7.19
N HIS A 54 17.38 -3.81 -8.36
CA HIS A 54 16.16 -2.98 -8.44
C HIS A 54 15.17 -3.62 -9.39
N PRO A 55 14.63 -4.80 -9.05
CA PRO A 55 13.70 -5.45 -9.97
C PRO A 55 12.41 -4.69 -10.16
N ASP A 56 11.78 -4.92 -11.31
CA ASP A 56 10.49 -4.33 -11.61
C ASP A 56 9.45 -4.92 -10.68
N LYS A 57 8.50 -4.10 -10.22
CA LYS A 57 7.42 -4.51 -9.34
C LYS A 57 7.91 -5.26 -8.12
N LEU A 58 9.04 -4.83 -7.53
CA LEU A 58 9.61 -5.56 -6.40
C LEU A 58 8.65 -5.66 -5.21
N GLU A 59 7.76 -4.69 -5.04
CA GLU A 59 6.82 -4.67 -3.92
C GLU A 59 5.73 -5.73 -4.08
N GLU A 60 5.44 -6.16 -5.33
CA GLU A 60 4.49 -7.24 -5.62
C GLU A 60 5.24 -8.58 -5.67
N LYS A 61 6.51 -8.60 -6.12
CA LYS A 61 7.29 -9.83 -6.15
C LYS A 61 7.68 -10.29 -4.77
N PHE A 62 8.04 -9.36 -3.87
CA PHE A 62 8.48 -9.71 -2.53
C PHE A 62 7.54 -10.64 -1.79
N PRO A 63 6.22 -10.33 -1.61
CA PRO A 63 5.36 -11.26 -0.87
C PRO A 63 5.21 -12.62 -1.55
N GLN A 64 5.34 -12.67 -2.88
CA GLN A 64 5.26 -13.96 -3.58
C GLN A 64 6.49 -14.86 -3.27
N VAL A 65 7.71 -14.31 -3.39
CA VAL A 65 8.92 -15.08 -3.20
C VAL A 65 9.28 -15.30 -1.73
N ALA A 66 9.11 -14.29 -0.85
CA ALA A 66 9.41 -14.48 0.55
C ALA A 66 8.50 -15.55 1.18
N ALA A 67 7.27 -15.72 0.67
CA ALA A 67 6.34 -16.74 1.19
C ALA A 67 6.88 -18.16 0.99
N THR A 68 7.73 -18.35 -0.02
CA THR A 68 8.34 -19.65 -0.28
C THR A 68 9.74 -19.79 0.36
N GLY A 69 10.15 -18.82 1.19
CA GLY A 69 11.47 -18.86 1.81
C GLY A 69 12.58 -18.31 0.95
N ASP A 70 12.23 -17.64 -0.17
CA ASP A 70 13.20 -17.06 -1.11
C ASP A 70 13.20 -15.50 -0.98
N GLY A 71 13.78 -14.82 -1.96
CA GLY A 71 13.79 -13.36 -2.00
C GLY A 71 15.06 -12.75 -1.47
N PRO A 72 15.08 -11.41 -1.37
CA PRO A 72 16.29 -10.75 -0.88
C PRO A 72 16.40 -10.88 0.64
N ASP A 73 17.59 -10.63 1.19
CA ASP A 73 17.76 -10.57 2.62
C ASP A 73 17.09 -9.27 3.14
N ILE A 74 17.22 -8.17 2.38
CA ILE A 74 16.70 -6.87 2.76
C ILE A 74 15.84 -6.28 1.65
N ILE A 75 14.67 -5.77 2.03
CA ILE A 75 13.79 -5.11 1.07
C ILE A 75 13.57 -3.65 1.48
N PHE A 76 13.73 -2.74 0.54
CA PHE A 76 13.45 -1.32 0.78
C PHE A 76 12.18 -0.93 0.04
N TRP A 77 11.28 -0.27 0.74
CA TRP A 77 10.08 0.29 0.14
C TRP A 77 9.53 1.31 1.15
N ALA A 78 8.53 2.12 0.76
CA ALA A 78 7.84 2.98 1.73
C ALA A 78 7.10 2.03 2.73
N HIS A 79 6.96 2.51 3.94
CA HIS A 79 6.41 1.75 5.06
C HIS A 79 4.99 1.17 4.87
N ASP A 80 4.19 1.73 3.97
CA ASP A 80 2.79 1.32 3.76
C ASP A 80 2.61 -0.14 3.37
N ARG A 81 3.56 -0.74 2.63
CA ARG A 81 3.44 -2.16 2.27
C ARG A 81 3.87 -3.12 3.37
N PHE A 82 4.63 -2.64 4.36
CA PHE A 82 5.28 -3.51 5.34
C PHE A 82 4.34 -4.21 6.31
N GLY A 83 3.21 -3.62 6.61
CA GLY A 83 2.22 -4.24 7.50
C GLY A 83 1.66 -5.51 6.90
N GLY A 84 1.39 -5.50 5.59
CA GLY A 84 0.92 -6.70 4.90
C GLY A 84 1.98 -7.79 4.90
N TYR A 85 3.24 -7.43 4.68
CA TYR A 85 4.37 -8.38 4.71
C TYR A 85 4.49 -9.00 6.13
N ALA A 86 4.44 -8.15 7.16
CA ALA A 86 4.51 -8.56 8.57
C ALA A 86 3.34 -9.47 8.95
N GLN A 87 2.12 -9.13 8.53
CA GLN A 87 0.95 -9.96 8.81
C GLN A 87 1.10 -11.37 8.21
N SER A 88 1.77 -11.47 7.05
CA SER A 88 2.04 -12.74 6.38
C SER A 88 3.29 -13.47 6.91
N GLY A 89 3.94 -12.95 7.95
CA GLY A 89 5.10 -13.57 8.56
C GLY A 89 6.35 -13.49 7.71
N LEU A 90 6.45 -12.48 6.82
CA LEU A 90 7.59 -12.36 5.94
C LEU A 90 8.72 -11.48 6.46
N LEU A 91 8.53 -10.79 7.58
CA LEU A 91 9.54 -9.88 8.09
C LEU A 91 10.07 -10.27 9.47
N ALA A 92 11.37 -10.09 9.68
CA ALA A 92 11.96 -10.38 10.97
C ALA A 92 11.63 -9.19 11.86
N GLU A 93 11.39 -9.47 13.14
CA GLU A 93 11.14 -8.39 14.09
C GLU A 93 12.48 -7.70 14.32
N ILE A 94 12.52 -6.36 14.32
CA ILE A 94 13.79 -5.71 14.57
C ILE A 94 13.77 -5.15 15.99
N THR A 95 14.89 -5.29 16.69
CA THR A 95 14.99 -4.89 18.08
C THR A 95 16.27 -4.07 18.29
N PRO A 96 16.30 -2.82 17.80
CA PRO A 96 17.49 -2.00 18.01
C PRO A 96 17.60 -1.59 19.46
N ASP A 97 18.84 -1.36 19.95
CA ASP A 97 18.99 -0.91 21.32
C ASP A 97 18.54 0.53 21.43
N LYS A 98 18.29 1.00 22.66
CA LYS A 98 17.80 2.35 22.89
C LYS A 98 18.73 3.41 22.31
N ALA A 99 20.05 3.19 22.42
CA ALA A 99 21.01 4.15 21.88
C ALA A 99 20.85 4.32 20.38
N PHE A 100 20.57 3.23 19.65
CA PHE A 100 20.32 3.34 18.21
C PHE A 100 18.95 3.96 17.95
N GLN A 101 17.88 3.48 18.64
CA GLN A 101 16.54 4.02 18.45
C GLN A 101 16.47 5.54 18.59
N ASP A 102 17.20 6.06 19.59
CA ASP A 102 17.24 7.49 19.88
C ASP A 102 17.94 8.31 18.80
N LYS A 103 18.70 7.68 17.89
CA LYS A 103 19.34 8.41 16.81
C LYS A 103 18.36 8.74 15.66
N LEU A 104 17.16 8.13 15.65
CA LEU A 104 16.15 8.39 14.62
C LEU A 104 14.96 9.07 15.23
N TYR A 105 14.23 9.89 14.45
CA TYR A 105 13.03 10.58 14.97
C TYR A 105 11.98 9.58 15.38
N PRO A 106 11.36 9.77 16.57
CA PRO A 106 10.33 8.82 17.01
C PRO A 106 9.19 8.57 16.03
N PHE A 107 8.75 9.59 15.25
CA PHE A 107 7.63 9.38 14.32
C PHE A 107 7.99 8.42 13.18
N THR A 108 9.29 8.30 12.84
CA THR A 108 9.70 7.38 11.78
C THR A 108 9.64 5.93 12.29
N TRP A 109 9.98 5.69 13.59
CA TRP A 109 9.84 4.36 14.18
C TRP A 109 8.35 4.00 14.24
N ASP A 110 7.48 4.99 14.55
CA ASP A 110 6.04 4.72 14.57
C ASP A 110 5.54 4.22 13.21
N ALA A 111 6.08 4.74 12.10
CA ALA A 111 5.66 4.30 10.76
C ALA A 111 5.96 2.81 10.49
N VAL A 112 6.98 2.26 11.19
CA VAL A 112 7.37 0.86 11.00
C VAL A 112 7.00 -0.02 12.18
N ARG A 113 5.99 0.37 12.96
CA ARG A 113 5.52 -0.44 14.07
C ARG A 113 4.22 -1.11 13.60
N TYR A 114 4.14 -2.43 13.77
CA TYR A 114 2.95 -3.18 13.36
C TYR A 114 2.66 -4.20 14.44
N ASN A 115 1.44 -4.19 15.00
CA ASN A 115 1.02 -5.07 16.09
C ASN A 115 1.99 -4.95 17.29
N GLY A 116 2.41 -3.73 17.57
CA GLY A 116 3.31 -3.40 18.66
C GLY A 116 4.77 -3.77 18.46
N LYS A 117 5.15 -4.28 17.27
CA LYS A 117 6.53 -4.68 17.04
C LYS A 117 7.16 -3.86 15.93
N LEU A 118 8.47 -3.60 16.01
CA LEU A 118 9.17 -2.91 14.95
C LEU A 118 9.46 -3.92 13.85
N ILE A 119 9.05 -3.61 12.61
CA ILE A 119 9.21 -4.56 11.53
C ILE A 119 10.13 -4.09 10.40
N ALA A 120 10.81 -2.93 10.56
CA ALA A 120 11.71 -2.37 9.56
C ALA A 120 12.52 -1.20 10.16
N TYR A 121 13.60 -0.80 9.51
CA TYR A 121 14.37 0.37 9.93
C TYR A 121 13.90 1.51 9.06
N PRO A 122 13.47 2.63 9.64
CA PRO A 122 13.11 3.78 8.79
C PRO A 122 14.38 4.44 8.23
N ILE A 123 14.32 4.96 7.01
CA ILE A 123 15.46 5.58 6.36
C ILE A 123 15.23 7.06 6.11
N ALA A 124 14.11 7.41 5.45
CA ALA A 124 13.85 8.80 5.04
C ALA A 124 12.36 9.06 4.85
N VAL A 125 11.96 10.31 5.02
CA VAL A 125 10.57 10.73 4.91
C VAL A 125 10.39 11.40 3.57
N GLU A 126 9.46 10.87 2.77
CA GLU A 126 9.18 11.35 1.41
C GLU A 126 7.79 11.96 1.33
N ALA A 127 7.70 13.08 0.64
CA ALA A 127 6.42 13.71 0.32
C ALA A 127 6.57 14.36 -1.06
N LEU A 128 5.50 14.35 -1.85
CA LEU A 128 5.52 15.00 -3.14
C LEU A 128 5.47 16.52 -2.94
N SER A 129 6.12 17.24 -3.84
CA SER A 129 6.06 18.70 -3.86
C SER A 129 5.78 19.17 -5.29
N LEU A 130 5.44 20.44 -5.44
CA LEU A 130 5.26 21.02 -6.77
C LEU A 130 6.65 21.49 -7.22
N ILE A 131 7.14 21.00 -8.35
CA ILE A 131 8.43 21.38 -8.89
C ILE A 131 8.16 22.26 -10.11
N TYR A 132 8.73 23.47 -10.16
CA TYR A 132 8.45 24.39 -11.26
C TYR A 132 9.70 25.01 -11.91
N ASN A 133 9.60 25.37 -13.19
CA ASN A 133 10.71 25.95 -13.90
C ASN A 133 10.63 27.46 -13.68
N LYS A 134 11.56 28.03 -12.88
CA LYS A 134 11.60 29.47 -12.57
C LYS A 134 11.80 30.34 -13.80
N ASP A 135 12.44 29.81 -14.84
CA ASP A 135 12.65 30.57 -16.07
C ASP A 135 11.37 30.67 -16.89
N LEU A 136 10.43 29.73 -16.74
CA LEU A 136 9.16 29.77 -17.47
C LEU A 136 8.05 30.39 -16.62
N LEU A 137 8.07 30.09 -15.33
CA LEU A 137 7.03 30.47 -14.39
C LEU A 137 7.70 31.02 -13.14
N PRO A 138 8.01 32.34 -13.12
CA PRO A 138 8.70 32.91 -11.95
C PRO A 138 7.89 32.82 -10.66
N ASN A 139 6.55 32.89 -10.77
CA ASN A 139 5.64 32.75 -9.65
C ASN A 139 4.69 31.58 -9.94
N PRO A 140 4.93 30.45 -9.29
CA PRO A 140 4.07 29.28 -9.53
C PRO A 140 2.65 29.48 -8.97
N PRO A 141 1.67 28.76 -9.52
CA PRO A 141 0.29 28.92 -9.06
C PRO A 141 0.03 28.44 -7.64
N LYS A 142 -0.77 29.18 -6.92
CA LYS A 142 -1.16 28.79 -5.56
C LYS A 142 -2.37 27.85 -5.54
N THR A 143 -3.15 27.79 -6.63
CA THR A 143 -4.35 26.94 -6.67
C THR A 143 -4.34 26.07 -7.92
N TRP A 144 -5.03 24.92 -7.85
CA TRP A 144 -5.22 24.07 -8.99
C TRP A 144 -6.16 24.79 -10.00
N GLU A 145 -7.18 25.51 -9.49
CA GLU A 145 -8.18 26.24 -10.30
C GLU A 145 -7.59 27.17 -11.37
N GLU A 146 -6.43 27.78 -11.11
CA GLU A 146 -5.81 28.69 -12.07
C GLU A 146 -4.90 27.98 -13.10
N ILE A 147 -4.69 26.66 -12.97
CA ILE A 147 -3.84 25.93 -13.93
C ILE A 147 -4.45 25.90 -15.37
N PRO A 148 -5.77 25.69 -15.61
CA PRO A 148 -6.27 25.78 -16.99
C PRO A 148 -5.93 27.10 -17.69
N ALA A 149 -6.11 28.26 -17.04
CA ALA A 149 -5.78 29.56 -17.67
C ALA A 149 -4.28 29.70 -17.88
N LEU A 150 -3.47 29.19 -16.95
CA LEU A 150 -2.02 29.24 -17.08
C LEU A 150 -1.56 28.36 -18.25
N ASP A 151 -2.19 27.19 -18.42
CA ASP A 151 -1.86 26.31 -19.53
C ASP A 151 -2.17 26.96 -20.86
N LYS A 152 -3.30 27.67 -20.98
CA LYS A 152 -3.65 28.35 -22.23
C LYS A 152 -2.59 29.42 -22.55
N GLU A 153 -2.16 30.18 -21.53
CA GLU A 153 -1.13 31.20 -21.67
C GLU A 153 0.21 30.59 -22.10
N LEU A 154 0.58 29.45 -21.49
CA LEU A 154 1.82 28.79 -21.83
C LEU A 154 1.79 28.11 -23.19
N LYS A 155 0.61 27.60 -23.62
CA LYS A 155 0.43 26.93 -24.92
C LYS A 155 0.68 27.90 -26.09
N ALA A 156 0.36 29.18 -25.88
CA ALA A 156 0.65 30.26 -26.85
C ALA A 156 2.15 30.37 -27.12
N LYS A 157 3.01 29.90 -26.18
CA LYS A 157 4.46 29.94 -26.31
C LYS A 157 5.07 28.57 -26.58
N GLY A 158 4.27 27.58 -26.96
CA GLY A 158 4.79 26.25 -27.23
C GLY A 158 5.19 25.49 -25.98
N LYS A 159 4.54 25.80 -24.86
CA LYS A 159 4.83 25.12 -23.58
C LYS A 159 3.50 24.60 -22.96
N SER A 160 3.60 23.78 -21.90
CA SER A 160 2.42 23.35 -21.17
C SER A 160 2.61 23.70 -19.70
N ALA A 161 1.49 23.81 -18.95
CA ALA A 161 1.60 24.18 -17.55
C ALA A 161 2.12 23.05 -16.68
N LEU A 162 1.60 21.84 -16.84
CA LEU A 162 1.91 20.77 -15.89
C LEU A 162 1.83 19.36 -16.46
N MET A 163 2.79 18.52 -16.10
CA MET A 163 2.77 17.11 -16.47
C MET A 163 3.30 16.33 -15.32
N PHE A 164 2.58 15.29 -14.94
CA PHE A 164 3.01 14.39 -13.90
C PHE A 164 2.49 12.98 -14.18
N ASN A 165 3.04 12.00 -13.49
CA ASN A 165 2.66 10.62 -13.65
C ASN A 165 1.17 10.38 -13.31
N LEU A 166 0.37 10.06 -14.35
CA LEU A 166 -1.05 9.74 -14.10
C LEU A 166 -1.33 8.26 -13.97
N GLN A 167 -0.31 7.39 -14.05
CA GLN A 167 -0.46 5.94 -13.99
C GLN A 167 -0.32 5.38 -12.57
N GLU A 168 0.21 6.19 -11.64
CA GLU A 168 0.38 5.78 -10.26
C GLU A 168 -0.47 6.72 -9.42
N PRO A 169 -1.42 6.17 -8.67
CA PRO A 169 -2.33 7.03 -7.87
C PRO A 169 -1.66 7.85 -6.79
N TYR A 170 -0.45 7.49 -6.40
CA TYR A 170 0.32 8.25 -5.42
C TYR A 170 0.42 9.76 -5.82
N PHE A 171 0.53 10.02 -7.12
CA PHE A 171 0.71 11.39 -7.66
C PHE A 171 -0.57 12.19 -7.74
N THR A 172 -1.70 11.52 -7.96
CA THR A 172 -3.03 12.15 -8.04
C THR A 172 -3.70 12.24 -6.67
N TRP A 173 -3.32 11.34 -5.73
CA TRP A 173 -3.90 11.34 -4.39
C TRP A 173 -3.93 12.70 -3.68
N PRO A 174 -2.87 13.55 -3.71
CA PRO A 174 -2.95 14.84 -3.00
C PRO A 174 -4.15 15.71 -3.44
N LEU A 175 -4.53 15.60 -4.71
CA LEU A 175 -5.68 16.31 -5.28
C LEU A 175 -7.00 15.64 -4.86
N ILE A 176 -7.07 14.30 -4.89
CA ILE A 176 -8.28 13.59 -4.46
C ILE A 176 -8.59 13.85 -2.97
N ALA A 177 -7.56 13.92 -2.14
CA ALA A 177 -7.71 14.11 -0.71
C ALA A 177 -7.98 15.55 -0.31
N ALA A 178 -7.57 16.54 -1.15
CA ALA A 178 -7.71 17.97 -0.83
C ALA A 178 -9.10 18.41 -0.33
N ASP A 179 -10.18 18.09 -1.06
CA ASP A 179 -11.53 18.51 -0.69
C ASP A 179 -12.28 17.53 0.22
N GLY A 180 -11.60 16.51 0.74
CA GLY A 180 -12.23 15.59 1.67
C GLY A 180 -12.09 14.11 1.42
N GLY A 181 -11.48 13.71 0.30
CA GLY A 181 -11.24 12.29 0.06
C GLY A 181 -10.27 11.72 1.10
N TYR A 182 -10.45 10.45 1.47
CA TYR A 182 -9.54 9.80 2.41
C TYR A 182 -9.48 8.29 2.17
N ALA A 183 -8.40 7.63 2.61
CA ALA A 183 -8.29 6.19 2.43
C ALA A 183 -9.08 5.49 3.58
N PHE A 184 -8.58 5.50 4.82
CA PHE A 184 -9.24 4.90 5.96
C PHE A 184 -9.33 6.04 6.98
N LYS A 185 -10.53 6.31 7.51
CA LYS A 185 -10.73 7.42 8.45
C LYS A 185 -9.82 7.31 9.67
N TYR A 186 -9.23 8.43 10.11
CA TYR A 186 -8.38 8.42 11.30
C TYR A 186 -8.97 9.42 12.27
N GLU A 187 -9.45 8.94 13.42
CA GLU A 187 -10.04 9.82 14.42
C GLU A 187 -9.80 9.26 15.82
N ASN A 188 -9.50 10.16 16.78
CA ASN A 188 -9.23 9.80 18.17
C ASN A 188 -8.02 8.86 18.30
N GLY A 189 -6.97 9.16 17.55
CA GLY A 189 -5.73 8.37 17.54
C GLY A 189 -5.88 6.94 17.06
N LYS A 190 -6.80 6.68 16.12
CA LYS A 190 -7.03 5.32 15.62
C LYS A 190 -7.72 5.33 14.26
N TYR A 191 -7.48 4.27 13.46
CA TYR A 191 -8.12 4.12 12.16
C TYR A 191 -9.42 3.36 12.27
N ASP A 192 -10.46 3.83 11.57
CA ASP A 192 -11.68 3.09 11.47
C ASP A 192 -11.52 2.45 10.10
N ILE A 193 -11.03 1.20 10.06
CA ILE A 193 -10.84 0.46 8.80
C ILE A 193 -12.17 0.27 8.05
N LYS A 194 -13.30 0.28 8.77
CA LYS A 194 -14.61 0.17 8.15
C LYS A 194 -15.02 1.48 7.42
N ASP A 195 -14.38 2.61 7.73
CA ASP A 195 -14.70 3.90 7.12
C ASP A 195 -13.70 4.27 5.98
N VAL A 196 -14.09 4.04 4.71
CA VAL A 196 -13.32 4.34 3.51
C VAL A 196 -13.95 5.58 2.85
N GLY A 197 -13.13 6.56 2.44
CA GLY A 197 -13.64 7.80 1.87
C GLY A 197 -13.18 8.08 0.45
N VAL A 198 -12.99 7.02 -0.34
CA VAL A 198 -12.55 7.21 -1.73
C VAL A 198 -13.69 7.56 -2.67
N ASP A 199 -14.96 7.44 -2.22
CA ASP A 199 -16.10 7.74 -3.09
C ASP A 199 -17.00 8.85 -2.54
N ASN A 200 -16.49 9.70 -1.64
CA ASN A 200 -17.31 10.80 -1.11
C ASN A 200 -17.34 12.02 -2.05
N ALA A 201 -18.09 13.08 -1.70
CA ALA A 201 -18.14 14.29 -2.51
C ALA A 201 -16.74 14.93 -2.72
N GLY A 202 -15.89 14.89 -1.70
CA GLY A 202 -14.55 15.45 -1.80
C GLY A 202 -13.67 14.72 -2.81
N ALA A 203 -13.65 13.37 -2.75
CA ALA A 203 -12.85 12.58 -3.68
C ALA A 203 -13.34 12.79 -5.12
N LYS A 204 -14.67 12.82 -5.30
CA LYS A 204 -15.30 13.01 -6.60
C LYS A 204 -14.91 14.35 -7.17
N ALA A 205 -14.92 15.43 -6.36
CA ALA A 205 -14.56 16.76 -6.87
C ALA A 205 -13.10 16.78 -7.34
N GLY A 206 -12.20 16.18 -6.57
CA GLY A 206 -10.78 16.15 -6.91
C GLY A 206 -10.52 15.40 -8.20
N LEU A 207 -11.09 14.21 -8.32
CA LEU A 207 -10.90 13.40 -9.52
C LEU A 207 -11.61 14.02 -10.73
N THR A 208 -12.79 14.65 -10.53
CA THR A 208 -13.49 15.32 -11.64
C THR A 208 -12.62 16.50 -12.15
N PHE A 209 -11.95 17.22 -11.25
CA PHE A 209 -11.04 18.32 -11.67
C PHE A 209 -9.92 17.77 -12.58
N LEU A 210 -9.33 16.63 -12.20
CA LEU A 210 -8.27 15.96 -12.97
C LEU A 210 -8.78 15.53 -14.33
N VAL A 211 -9.95 14.87 -14.38
CA VAL A 211 -10.56 14.41 -15.63
C VAL A 211 -10.87 15.62 -16.54
N ASP A 212 -11.35 16.72 -15.94
CA ASP A 212 -11.64 17.95 -16.71
C ASP A 212 -10.36 18.55 -17.31
N LEU A 213 -9.23 18.47 -16.60
CA LEU A 213 -7.94 18.93 -17.14
C LEU A 213 -7.60 18.12 -18.39
N ILE A 214 -7.85 16.81 -18.37
CA ILE A 214 -7.62 15.93 -19.52
C ILE A 214 -8.61 16.20 -20.68
N LYS A 215 -9.90 16.34 -20.37
CA LYS A 215 -10.92 16.64 -21.40
C LYS A 215 -10.66 18.00 -22.07
N ASN A 216 -10.14 18.97 -21.31
CA ASN A 216 -9.86 20.29 -21.86
C ASN A 216 -8.45 20.40 -22.49
N LYS A 217 -7.76 19.29 -22.68
CA LYS A 217 -6.44 19.17 -23.29
C LYS A 217 -5.31 19.88 -22.54
N HIS A 218 -5.44 20.03 -21.22
CA HIS A 218 -4.39 20.57 -20.36
C HIS A 218 -3.40 19.47 -19.89
N MET A 219 -3.84 18.21 -19.90
CA MET A 219 -3.03 17.03 -19.58
C MET A 219 -3.46 15.87 -20.49
N ASN A 220 -2.61 14.88 -20.64
CA ASN A 220 -2.86 13.71 -21.46
C ASN A 220 -2.96 12.50 -20.55
N ALA A 221 -4.02 11.68 -20.70
CA ALA A 221 -4.20 10.51 -19.83
C ALA A 221 -3.05 9.48 -19.87
N ASP A 222 -2.31 9.43 -20.98
CA ASP A 222 -1.21 8.48 -21.13
C ASP A 222 0.12 8.93 -20.49
N THR A 223 0.18 10.15 -19.95
CA THR A 223 1.39 10.63 -19.31
C THR A 223 1.76 9.76 -18.11
N ASP A 224 2.98 9.23 -18.17
CA ASP A 224 3.52 8.39 -17.14
C ASP A 224 4.77 9.09 -16.52
N TYR A 225 5.55 8.38 -15.71
CA TYR A 225 6.69 8.93 -15.02
C TYR A 225 7.76 9.42 -16.02
N SER A 226 8.18 8.56 -16.97
CA SER A 226 9.21 8.91 -17.93
C SER A 226 8.87 10.11 -18.77
N ILE A 227 7.64 10.17 -19.29
CA ILE A 227 7.14 11.24 -20.14
C ILE A 227 7.13 12.56 -19.41
N ALA A 228 6.58 12.60 -18.18
CA ALA A 228 6.54 13.85 -17.42
C ALA A 228 7.95 14.31 -17.08
N GLU A 229 8.82 13.38 -16.69
CA GLU A 229 10.19 13.70 -16.32
C GLU A 229 10.97 14.25 -17.54
N ALA A 230 10.84 13.62 -18.70
CA ALA A 230 11.54 14.09 -19.92
C ALA A 230 11.04 15.47 -20.32
N ALA A 231 9.73 15.71 -20.24
CA ALA A 231 9.16 17.01 -20.60
C ALA A 231 9.59 18.13 -19.64
N PHE A 232 9.71 17.84 -18.34
CA PHE A 232 10.14 18.87 -17.40
C PHE A 232 11.64 19.12 -17.58
N ASN A 233 12.42 18.06 -17.71
CA ASN A 233 13.88 18.19 -17.79
C ASN A 233 14.35 18.77 -19.14
N LYS A 234 13.47 18.83 -20.15
CA LYS A 234 13.76 19.47 -21.43
C LYS A 234 13.12 20.88 -21.54
N GLY A 235 12.54 21.41 -20.45
CA GLY A 235 11.92 22.72 -20.45
C GLY A 235 10.63 22.83 -21.24
N GLU A 236 9.95 21.70 -21.53
CA GLU A 236 8.70 21.74 -22.31
C GLU A 236 7.46 22.04 -21.48
N THR A 237 7.49 21.62 -20.22
CA THR A 237 6.40 21.86 -19.29
C THR A 237 6.93 22.69 -18.14
N ALA A 238 6.13 23.60 -17.65
CA ALA A 238 6.54 24.51 -16.58
C ALA A 238 6.56 23.88 -15.21
N MET A 239 5.79 22.79 -15.00
CA MET A 239 5.68 22.21 -13.66
C MET A 239 5.56 20.70 -13.72
N THR A 240 5.92 20.05 -12.63
CA THR A 240 5.72 18.63 -12.45
C THR A 240 5.43 18.39 -10.95
N ILE A 241 5.02 17.17 -10.62
CA ILE A 241 4.77 16.78 -9.23
C ILE A 241 5.61 15.57 -9.03
N ASN A 242 6.58 15.68 -8.12
CA ASN A 242 7.50 14.57 -7.89
C ASN A 242 8.14 14.65 -6.50
N GLY A 243 8.82 13.58 -6.11
CA GLY A 243 9.49 13.50 -4.82
C GLY A 243 10.96 13.85 -4.90
N PRO A 244 11.66 13.82 -3.76
CA PRO A 244 13.08 14.21 -3.74
C PRO A 244 14.03 13.39 -4.61
N TRP A 245 13.68 12.13 -4.87
CA TRP A 245 14.53 11.28 -5.73
C TRP A 245 14.69 11.85 -7.13
N ALA A 246 13.74 12.66 -7.58
CA ALA A 246 13.78 13.23 -8.94
C ALA A 246 14.74 14.41 -9.10
N TRP A 247 15.17 15.02 -7.99
CA TRP A 247 15.97 16.24 -8.05
C TRP A 247 17.30 16.08 -8.75
N SER A 248 17.93 14.90 -8.65
CA SER A 248 19.24 14.64 -9.28
C SER A 248 19.18 14.79 -10.80
N ASN A 249 18.13 14.25 -11.44
CA ASN A 249 18.01 14.34 -12.89
C ASN A 249 17.68 15.77 -13.32
N ILE A 250 16.91 16.53 -12.50
CA ILE A 250 16.63 17.93 -12.83
C ILE A 250 17.94 18.74 -12.70
N ASP A 251 18.79 18.43 -11.71
CA ASP A 251 20.10 19.12 -11.54
C ASP A 251 20.95 18.95 -12.81
N THR A 252 21.04 17.72 -13.31
CA THR A 252 21.80 17.36 -14.50
C THR A 252 21.28 18.07 -15.74
N SER A 253 19.96 18.28 -15.83
CA SER A 253 19.30 18.96 -16.94
C SER A 253 19.55 20.47 -16.97
N LYS A 254 20.01 21.06 -15.86
CA LYS A 254 20.31 22.49 -15.68
C LYS A 254 19.10 23.41 -15.74
N VAL A 255 17.89 22.85 -15.60
CA VAL A 255 16.68 23.64 -15.56
C VAL A 255 16.70 24.44 -14.25
N ASN A 256 16.37 25.71 -14.32
CA ASN A 256 16.35 26.56 -13.14
C ASN A 256 15.06 26.21 -12.42
N TYR A 257 15.10 25.24 -11.49
CA TYR A 257 13.87 24.79 -10.83
C TYR A 257 13.72 25.22 -9.39
N GLY A 258 12.47 25.28 -8.94
CA GLY A 258 12.11 25.52 -7.56
C GLY A 258 11.28 24.36 -7.03
N VAL A 259 11.27 24.14 -5.71
CA VAL A 259 10.47 23.09 -5.09
C VAL A 259 9.57 23.80 -4.11
N THR A 260 8.23 23.65 -4.22
CA THR A 260 7.33 24.46 -3.39
C THR A 260 6.03 23.70 -2.95
N VAL A 261 5.18 24.38 -2.16
CA VAL A 261 3.93 23.84 -1.70
C VAL A 261 3.02 23.47 -2.86
N LEU A 262 2.38 22.31 -2.79
CA LEU A 262 1.43 21.89 -3.83
C LEU A 262 0.26 22.89 -3.89
N PRO A 263 -0.37 23.06 -5.06
CA PRO A 263 -1.50 23.99 -5.13
C PRO A 263 -2.70 23.55 -4.28
N THR A 264 -3.53 24.51 -3.85
CA THR A 264 -4.72 24.22 -3.09
C THR A 264 -5.86 23.83 -4.06
N PHE A 265 -6.89 23.18 -3.55
CA PHE A 265 -8.07 22.81 -4.33
C PHE A 265 -9.26 23.19 -3.48
N LYS A 266 -10.16 24.01 -4.05
CA LYS A 266 -11.31 24.55 -3.33
C LYS A 266 -10.86 25.27 -2.03
N GLY A 267 -9.68 25.89 -2.07
CA GLY A 267 -9.09 26.59 -0.94
C GLY A 267 -8.42 25.71 0.09
N GLN A 268 -8.41 24.40 -0.11
CA GLN A 268 -7.82 23.46 0.85
C GLN A 268 -6.47 22.97 0.36
N PRO A 269 -5.52 22.75 1.27
CA PRO A 269 -4.21 22.23 0.83
C PRO A 269 -4.31 20.87 0.17
N SER A 270 -3.42 20.58 -0.79
CA SER A 270 -3.33 19.22 -1.33
C SER A 270 -2.68 18.39 -0.20
N LYS A 271 -3.13 17.13 -0.05
CA LYS A 271 -2.70 16.32 1.09
C LYS A 271 -1.99 15.08 0.58
N PRO A 272 -0.67 15.18 0.33
CA PRO A 272 0.03 14.00 -0.15
C PRO A 272 0.11 12.90 0.90
N PHE A 273 0.09 11.64 0.46
CA PHE A 273 0.28 10.53 1.38
C PHE A 273 1.80 10.43 1.57
N VAL A 274 2.25 10.58 2.81
CA VAL A 274 3.66 10.60 3.18
C VAL A 274 4.21 9.19 3.46
N GLY A 275 5.27 8.84 2.77
CA GLY A 275 5.90 7.52 2.95
C GLY A 275 7.22 7.65 3.66
N VAL A 276 7.54 6.67 4.47
CA VAL A 276 8.81 6.59 5.13
C VAL A 276 9.49 5.43 4.44
N LEU A 277 10.52 5.71 3.63
CA LEU A 277 11.33 4.64 2.96
C LEU A 277 11.96 3.81 4.09
N SER A 278 11.72 2.51 4.11
CA SER A 278 12.13 1.64 5.17
C SER A 278 12.82 0.39 4.66
N ALA A 279 13.63 -0.26 5.51
CA ALA A 279 14.35 -1.46 5.13
C ALA A 279 13.95 -2.58 6.05
N GLY A 280 13.29 -3.59 5.50
CA GLY A 280 12.88 -4.75 6.28
C GLY A 280 13.79 -5.92 6.01
N ILE A 281 13.91 -6.83 6.99
CA ILE A 281 14.75 -8.02 6.87
C ILE A 281 13.85 -9.21 6.64
N ASN A 282 14.11 -9.99 5.60
CA ASN A 282 13.33 -11.18 5.25
C ASN A 282 13.39 -12.19 6.40
N ALA A 283 12.22 -12.66 6.83
CA ALA A 283 12.11 -13.66 7.90
C ALA A 283 12.84 -14.98 7.55
N ALA A 284 12.98 -15.28 6.25
CA ALA A 284 13.65 -16.49 5.77
C ALA A 284 15.17 -16.33 5.59
N SER A 285 15.70 -15.14 5.89
CA SER A 285 17.12 -14.89 5.72
C SER A 285 17.94 -15.57 6.80
N PRO A 286 18.99 -16.33 6.39
CA PRO A 286 19.94 -16.85 7.38
C PRO A 286 21.01 -15.79 7.69
N ASN A 287 20.86 -14.56 7.18
CA ASN A 287 21.84 -13.52 7.36
C ASN A 287 21.30 -12.34 8.18
N LYS A 288 20.35 -12.58 9.09
CA LYS A 288 19.75 -11.48 9.85
C LYS A 288 20.75 -10.65 10.64
N GLU A 289 21.77 -11.29 11.27
CA GLU A 289 22.72 -10.50 12.06
C GLU A 289 23.59 -9.62 11.17
N LEU A 290 23.94 -10.10 9.97
CA LEU A 290 24.71 -9.32 9.00
C LEU A 290 23.84 -8.14 8.50
N ALA A 291 22.54 -8.39 8.24
CA ALA A 291 21.65 -7.33 7.73
C ALA A 291 21.46 -6.26 8.79
N LYS A 292 21.32 -6.66 10.06
CA LYS A 292 21.17 -5.67 11.15
C LYS A 292 22.46 -4.81 11.27
N GLU A 293 23.64 -5.43 11.13
CA GLU A 293 24.90 -4.70 11.21
C GLU A 293 25.04 -3.77 10.02
N PHE A 294 24.69 -4.25 8.82
CA PHE A 294 24.73 -3.40 7.62
C PHE A 294 23.83 -2.17 7.79
N LEU A 295 22.57 -2.40 8.19
CA LEU A 295 21.60 -1.31 8.28
C LEU A 295 21.90 -0.34 9.39
N GLU A 296 22.26 -0.84 10.59
CA GLU A 296 22.50 0.06 11.72
C GLU A 296 23.83 0.78 11.66
N ASN A 297 24.91 0.04 11.36
CA ASN A 297 26.27 0.59 11.48
C ASN A 297 26.91 1.08 10.20
N TYR A 298 26.30 0.80 9.04
CA TYR A 298 26.88 1.29 7.79
C TYR A 298 25.91 2.25 7.11
N LEU A 299 24.66 1.77 6.87
CA LEU A 299 23.72 2.63 6.15
C LEU A 299 23.21 3.80 6.98
N LEU A 300 22.70 3.54 8.20
CA LEU A 300 22.11 4.59 9.01
C LEU A 300 23.11 5.37 9.83
N THR A 301 24.07 5.92 9.12
CA THR A 301 25.13 6.80 9.61
C THR A 301 25.19 8.00 8.66
N ASP A 302 25.84 9.12 9.07
CA ASP A 302 25.92 10.30 8.19
C ASP A 302 26.57 9.96 6.86
N GLU A 303 27.62 9.14 6.89
CA GLU A 303 28.35 8.79 5.69
C GLU A 303 27.59 7.83 4.78
N GLY A 304 26.88 6.88 5.38
CA GLY A 304 26.11 5.92 4.61
C GLY A 304 24.95 6.60 3.90
N LEU A 305 24.20 7.44 4.64
CA LEU A 305 23.08 8.16 4.04
C LEU A 305 23.54 9.20 3.02
N GLU A 306 24.71 9.84 3.27
CA GLU A 306 25.27 10.79 2.31
C GLU A 306 25.59 10.10 0.98
N ALA A 307 26.15 8.88 1.02
CA ALA A 307 26.47 8.11 -0.19
C ALA A 307 25.20 7.86 -1.03
N VAL A 308 24.08 7.48 -0.37
CA VAL A 308 22.83 7.24 -1.09
C VAL A 308 22.23 8.56 -1.61
N ASN A 309 22.20 9.58 -0.74
CA ASN A 309 21.64 10.88 -1.03
C ASN A 309 22.32 11.57 -2.22
N LYS A 310 23.67 11.42 -2.33
CA LYS A 310 24.41 12.00 -3.44
C LYS A 310 24.03 11.37 -4.77
N ASP A 311 23.59 10.11 -4.77
CA ASP A 311 23.14 9.44 -5.99
C ASP A 311 21.71 9.96 -6.32
N LYS A 312 20.71 9.73 -5.44
CA LYS A 312 19.35 10.27 -5.62
C LYS A 312 18.92 10.77 -4.25
N PRO A 313 18.51 12.04 -4.09
CA PRO A 313 18.15 12.52 -2.75
C PRO A 313 17.08 11.68 -2.06
N LEU A 314 17.28 11.42 -0.78
CA LEU A 314 16.37 10.62 0.00
C LEU A 314 15.17 11.40 0.52
N GLY A 315 15.28 12.73 0.64
CA GLY A 315 14.25 13.55 1.29
C GLY A 315 14.71 13.89 2.70
N ALA A 316 13.80 13.98 3.65
CA ALA A 316 14.13 14.28 5.04
C ALA A 316 14.49 12.96 5.75
N VAL A 317 15.78 12.72 5.97
CA VAL A 317 16.22 11.46 6.55
C VAL A 317 15.78 11.28 8.00
N ALA A 318 15.59 10.01 8.38
CA ALA A 318 15.17 9.64 9.72
C ALA A 318 16.31 9.85 10.71
N LEU A 319 17.56 9.90 10.27
CA LEU A 319 18.71 10.04 11.16
C LEU A 319 18.88 11.51 11.54
N LYS A 320 18.61 11.82 12.82
CA LYS A 320 18.65 13.20 13.33
C LYS A 320 19.90 13.97 12.97
N SER A 321 21.09 13.39 13.17
CA SER A 321 22.34 14.09 12.91
C SER A 321 22.51 14.55 11.47
N TYR A 322 22.09 13.72 10.50
CA TYR A 322 22.21 14.10 9.09
C TYR A 322 21.06 15.05 8.69
N GLU A 323 19.84 14.81 9.19
CA GLU A 323 18.71 15.68 8.91
C GLU A 323 18.94 17.14 9.34
N GLU A 324 19.67 17.37 10.45
CA GLU A 324 19.95 18.75 10.90
C GLU A 324 20.62 19.58 9.81
N GLU A 325 21.41 18.94 8.97
CA GLU A 325 22.08 19.56 7.84
C GLU A 325 21.18 19.68 6.60
N LEU A 326 20.46 18.60 6.24
CA LEU A 326 19.55 18.61 5.10
C LEU A 326 18.38 19.59 5.28
N ALA A 327 17.88 19.78 6.51
CA ALA A 327 16.75 20.67 6.80
C ALA A 327 16.99 22.11 6.37
N LYS A 328 18.25 22.54 6.24
CA LYS A 328 18.61 23.89 5.78
C LYS A 328 18.34 24.09 4.28
N ASP A 329 18.23 23.02 3.52
CA ASP A 329 18.01 23.08 2.09
C ASP A 329 16.54 23.44 1.90
N PRO A 330 16.26 24.55 1.18
CA PRO A 330 14.87 24.96 0.95
C PRO A 330 14.02 23.92 0.25
N ARG A 331 14.62 23.02 -0.54
CA ARG A 331 13.86 21.95 -1.19
C ARG A 331 13.34 20.95 -0.08
N ILE A 332 14.13 20.74 0.98
CA ILE A 332 13.77 19.87 2.12
C ILE A 332 12.71 20.53 2.97
N ALA A 333 12.83 21.87 3.17
CA ALA A 333 11.80 22.64 3.86
C ALA A 333 10.46 22.53 3.11
N ALA A 334 10.49 22.59 1.77
CA ALA A 334 9.27 22.47 0.97
C ALA A 334 8.71 21.05 1.07
N THR A 335 9.58 20.04 1.12
CA THR A 335 9.16 18.65 1.27
C THR A 335 8.45 18.47 2.61
N MET A 336 8.99 19.05 3.69
CA MET A 336 8.40 18.93 5.02
C MET A 336 7.12 19.74 5.15
N GLU A 337 7.01 20.87 4.46
CA GLU A 337 5.79 21.65 4.45
C GLU A 337 4.63 20.86 3.79
N ASN A 338 4.87 20.23 2.64
CA ASN A 338 3.87 19.42 1.99
C ASN A 338 3.51 18.18 2.84
N ALA A 339 4.52 17.58 3.49
CA ALA A 339 4.30 16.43 4.34
C ALA A 339 3.42 16.77 5.52
N GLN A 340 3.60 17.95 6.13
CA GLN A 340 2.76 18.36 7.28
C GLN A 340 1.32 18.67 6.90
N LYS A 341 1.09 19.02 5.64
CA LYS A 341 -0.26 19.23 5.11
C LYS A 341 -0.92 17.89 4.68
N GLY A 342 -0.13 16.82 4.54
CA GLY A 342 -0.65 15.52 4.17
C GLY A 342 -0.81 14.59 5.34
N GLU A 343 -0.74 13.30 5.08
CA GLU A 343 -0.90 12.30 6.13
C GLU A 343 0.12 11.22 5.98
N ILE A 344 0.62 10.71 7.10
CA ILE A 344 1.48 9.53 7.08
C ILE A 344 0.62 8.34 6.65
N MET A 345 1.10 7.57 5.66
CA MET A 345 0.29 6.46 5.17
C MET A 345 0.06 5.42 6.26
N PRO A 346 -1.12 4.81 6.30
CA PRO A 346 -1.31 3.66 7.19
C PRO A 346 -0.41 2.50 6.70
N ASN A 347 -0.17 1.52 7.57
CA ASN A 347 0.59 0.32 7.16
C ASN A 347 -0.29 -0.94 7.24
N ILE A 348 -1.61 -0.81 7.44
CA ILE A 348 -2.52 -1.95 7.52
C ILE A 348 -2.42 -2.85 6.28
N PRO A 349 -2.66 -4.16 6.45
CA PRO A 349 -2.47 -5.08 5.33
C PRO A 349 -3.28 -4.79 4.09
N GLN A 350 -4.42 -4.08 4.22
CA GLN A 350 -5.23 -3.79 3.05
C GLN A 350 -4.80 -2.55 2.28
N MET A 351 -3.62 -1.95 2.60
CA MET A 351 -3.15 -0.79 1.81
C MET A 351 -2.92 -1.16 0.35
N SER A 352 -2.45 -2.38 0.11
CA SER A 352 -2.17 -2.90 -1.21
C SER A 352 -3.45 -2.91 -2.06
N ALA A 353 -4.59 -3.37 -1.46
CA ALA A 353 -5.90 -3.45 -2.11
C ALA A 353 -6.44 -2.05 -2.38
N PHE A 354 -6.28 -1.13 -1.42
CA PHE A 354 -6.67 0.28 -1.58
C PHE A 354 -5.92 0.87 -2.80
N TRP A 355 -4.58 0.69 -2.85
CA TRP A 355 -3.79 1.26 -3.95
C TRP A 355 -4.16 0.70 -5.30
N TYR A 356 -4.40 -0.61 -5.37
CA TYR A 356 -4.79 -1.21 -6.64
C TYR A 356 -6.15 -0.64 -7.10
N ALA A 357 -7.09 -0.50 -6.17
CA ALA A 357 -8.42 -0.01 -6.46
C ALA A 357 -8.36 1.45 -6.92
N VAL A 358 -7.61 2.32 -6.22
CA VAL A 358 -7.49 3.73 -6.63
C VAL A 358 -6.68 3.88 -7.92
N ARG A 359 -5.70 3.01 -8.14
CA ARG A 359 -4.90 3.03 -9.38
C ARG A 359 -5.83 2.76 -10.58
N THR A 360 -6.67 1.72 -10.47
CA THR A 360 -7.63 1.40 -11.52
C THR A 360 -8.65 2.53 -11.72
N ALA A 361 -9.11 3.14 -10.62
CA ALA A 361 -10.06 4.24 -10.71
C ALA A 361 -9.53 5.47 -11.47
N VAL A 362 -8.30 5.92 -11.14
CA VAL A 362 -7.75 7.10 -11.78
C VAL A 362 -7.49 6.84 -13.26
N ILE A 363 -6.93 5.68 -13.60
CA ILE A 363 -6.66 5.35 -15.01
C ILE A 363 -7.95 5.26 -15.80
N ASN A 364 -8.99 4.58 -15.25
CA ASN A 364 -10.27 4.44 -15.98
C ASN A 364 -11.02 5.78 -16.13
N ALA A 365 -11.00 6.63 -15.10
CA ALA A 365 -11.65 7.94 -15.18
C ALA A 365 -10.92 8.86 -16.20
N ALA A 366 -9.57 8.84 -16.16
CA ALA A 366 -8.72 9.64 -17.05
C ALA A 366 -8.88 9.20 -18.49
N SER A 367 -9.00 7.89 -18.75
CA SER A 367 -9.15 7.40 -20.12
C SER A 367 -10.60 7.45 -20.66
N GLY A 368 -11.56 7.71 -19.79
CA GLY A 368 -12.97 7.71 -20.18
C GLY A 368 -13.61 6.32 -20.16
N ARG A 369 -12.87 5.27 -19.73
CA ARG A 369 -13.39 3.90 -19.63
C ARG A 369 -14.55 3.84 -18.62
N GLN A 370 -14.46 4.64 -17.57
CA GLN A 370 -15.50 4.73 -16.57
C GLN A 370 -15.74 6.21 -16.26
N THR A 371 -16.93 6.55 -15.75
CA THR A 371 -17.13 7.93 -15.30
C THR A 371 -16.45 8.05 -13.93
N VAL A 372 -16.26 9.26 -13.39
CA VAL A 372 -15.68 9.44 -12.06
C VAL A 372 -16.54 8.70 -11.01
N ASP A 373 -17.88 8.75 -11.18
CA ASP A 373 -18.78 8.05 -10.26
C ASP A 373 -18.62 6.53 -10.31
N GLU A 374 -18.55 5.94 -11.51
CA GLU A 374 -18.37 4.49 -11.63
C GLU A 374 -16.99 4.06 -11.10
N ALA A 375 -15.96 4.84 -11.44
CA ALA A 375 -14.57 4.54 -11.10
C ALA A 375 -14.39 4.54 -9.59
N LEU A 376 -14.88 5.56 -8.90
CA LEU A 376 -14.72 5.65 -7.46
C LEU A 376 -15.63 4.73 -6.68
N LYS A 377 -16.80 4.34 -7.26
CA LYS A 377 -17.66 3.36 -6.59
C LYS A 377 -16.92 2.03 -6.55
N ASP A 378 -16.30 1.62 -7.67
CA ASP A 378 -15.52 0.38 -7.70
C ASP A 378 -14.32 0.46 -6.78
N ALA A 379 -13.68 1.63 -6.70
CA ALA A 379 -12.54 1.82 -5.82
C ALA A 379 -13.01 1.64 -4.36
N GLN A 380 -14.21 2.11 -4.01
CA GLN A 380 -14.75 1.97 -2.67
C GLN A 380 -15.03 0.49 -2.35
N THR A 381 -15.60 -0.26 -3.29
CA THR A 381 -15.88 -1.69 -3.13
C THR A 381 -14.59 -2.48 -2.92
N GLY A 382 -13.57 -2.20 -3.74
CA GLY A 382 -12.28 -2.85 -3.60
C GLY A 382 -11.61 -2.54 -2.27
N SER A 383 -11.69 -1.27 -1.84
CA SER A 383 -11.05 -0.86 -0.59
C SER A 383 -11.74 -1.42 0.68
N GLU A 384 -13.03 -1.69 0.59
CA GLU A 384 -13.79 -2.22 1.70
C GLU A 384 -13.90 -3.74 1.72
N LEU A 385 -13.54 -4.41 0.61
CA LEU A 385 -13.69 -5.83 0.39
C LEU A 385 -13.15 -6.75 1.49
N TYR A 386 -11.89 -6.57 1.92
CA TYR A 386 -11.35 -7.40 3.02
C TYR A 386 -12.21 -7.26 4.29
N ARG A 387 -12.45 -6.05 4.76
CA ARG A 387 -13.18 -5.83 6.01
C ARG A 387 -14.64 -6.33 5.98
N GLN A 388 -15.33 -6.10 4.88
CA GLN A 388 -16.70 -6.55 4.74
C GLN A 388 -16.72 -8.09 4.67
N SER A 389 -15.80 -8.68 3.90
CA SER A 389 -15.75 -10.13 3.75
C SER A 389 -15.47 -10.80 5.10
N LEU A 390 -14.48 -10.26 5.87
CA LEU A 390 -14.11 -10.76 7.19
C LEU A 390 -15.30 -10.69 8.14
N GLU A 391 -16.01 -9.55 8.16
CA GLU A 391 -17.18 -9.38 8.99
C GLU A 391 -18.24 -10.52 8.76
N ILE A 392 -18.60 -10.79 7.50
CA ILE A 392 -19.56 -11.82 7.16
C ILE A 392 -19.05 -13.23 7.49
N ILE A 393 -17.83 -13.56 7.03
CA ILE A 393 -17.27 -14.90 7.20
C ILE A 393 -17.00 -15.22 8.66
N SER A 394 -16.44 -14.27 9.39
CA SER A 394 -16.16 -14.44 10.81
C SER A 394 -17.45 -14.64 11.60
N ARG A 395 -18.48 -13.84 11.30
CA ARG A 395 -19.73 -13.95 12.03
C ARG A 395 -20.40 -15.29 11.73
N TYR A 396 -20.38 -15.74 10.48
CA TYR A 396 -20.99 -17.01 10.13
C TYR A 396 -20.30 -18.18 10.86
N LEU A 397 -18.98 -18.25 10.80
CA LEU A 397 -18.22 -19.34 11.44
C LEU A 397 -18.44 -19.36 12.94
N ARG A 398 -18.36 -18.21 13.61
CA ARG A 398 -18.54 -18.15 15.06
C ARG A 398 -19.95 -18.47 15.53
N GLU A 399 -21.01 -18.03 14.82
CA GLU A 399 -22.37 -18.35 15.26
C GLU A 399 -22.73 -19.81 14.96
N GLN A 400 -22.14 -20.39 13.93
CA GLN A 400 -22.37 -21.79 13.59
C GLN A 400 -21.72 -22.67 14.66
N ALA A 401 -20.51 -22.30 15.09
CA ALA A 401 -19.74 -23.03 16.09
C ALA A 401 -20.36 -22.95 17.46
N THR A 402 -20.83 -21.78 17.89
CA THR A 402 -21.37 -21.60 19.24
C THR A 402 -22.88 -21.71 19.38
N GLY A 403 -23.59 -21.56 18.29
CA GLY A 403 -25.05 -21.58 18.32
C GLY A 403 -25.68 -20.26 18.69
N ALA A 404 -24.87 -19.21 18.89
CA ALA A 404 -25.41 -17.89 19.23
C ALA A 404 -24.75 -16.85 18.33
N ALA A 405 -25.53 -15.90 17.86
CA ALA A 405 -25.03 -14.85 16.98
C ALA A 405 -24.28 -13.77 17.77
N ASP A 406 -23.45 -13.01 17.05
CA ASP A 406 -22.68 -11.90 17.60
C ASP A 406 -23.64 -10.74 17.79
N THR A 407 -23.67 -10.19 19.00
CA THR A 407 -24.54 -9.06 19.32
C THR A 407 -23.95 -7.68 18.92
N ALA A 408 -22.65 -7.63 18.53
CA ALA A 408 -22.03 -6.34 18.20
C ALA A 408 -22.68 -5.72 16.97
N PRO A 409 -22.81 -4.38 16.95
CA PRO A 409 -23.39 -3.71 15.78
C PRO A 409 -22.56 -3.97 14.51
N MET A 410 -23.24 -4.09 13.38
CA MET A 410 -22.60 -4.39 12.10
C MET A 410 -21.70 -3.28 11.55
N GLY A 411 -21.92 -2.05 11.99
CA GLY A 411 -21.12 -0.92 11.54
C GLY A 411 -21.49 -0.39 10.17
N ALA A 412 -20.51 0.24 9.49
CA ALA A 412 -20.67 0.82 8.16
C ALA A 412 -21.07 -0.26 7.17
N SER A 413 -22.04 0.06 6.30
CA SER A 413 -22.60 -0.89 5.33
C SER A 413 -23.19 -2.11 6.05
N GLY A 414 -23.83 -1.86 7.18
CA GLY A 414 -24.42 -2.89 8.02
C GLY A 414 -25.54 -3.62 7.33
N ALA A 415 -26.24 -2.94 6.39
CA ALA A 415 -27.32 -3.57 5.66
C ALA A 415 -26.76 -4.65 4.74
N THR A 416 -25.63 -4.37 4.07
CA THR A 416 -25.00 -5.35 3.18
C THR A 416 -24.54 -6.57 3.97
N SER A 417 -23.86 -6.34 5.10
CA SER A 417 -23.34 -7.41 5.93
C SER A 417 -24.46 -8.29 6.46
N ARG A 418 -25.53 -7.66 6.97
CA ARG A 418 -26.66 -8.37 7.53
C ARG A 418 -27.37 -9.20 6.47
N LYS A 419 -27.60 -8.63 5.29
CA LYS A 419 -28.26 -9.35 4.22
C LYS A 419 -27.40 -10.45 3.64
N ALA A 420 -26.07 -10.23 3.56
CA ALA A 420 -25.17 -11.27 3.06
C ALA A 420 -25.10 -12.38 4.10
N LEU A 421 -25.06 -12.06 5.40
CA LEU A 421 -25.07 -13.08 6.47
C LEU A 421 -26.39 -13.87 6.46
N GLU A 422 -27.53 -13.22 6.25
CA GLU A 422 -28.83 -13.90 6.16
C GLU A 422 -28.88 -14.82 4.95
N THR A 423 -28.28 -14.39 3.84
CA THR A 423 -28.23 -15.24 2.63
C THR A 423 -27.31 -16.43 2.86
N LEU A 424 -26.18 -16.18 3.50
CA LEU A 424 -25.19 -17.19 3.79
C LEU A 424 -25.74 -18.22 4.76
N ARG A 425 -26.58 -17.82 5.73
CA ARG A 425 -27.25 -18.79 6.62
C ARG A 425 -28.15 -19.70 5.81
N ARG A 426 -28.95 -19.15 4.89
CA ARG A 426 -29.84 -19.97 4.07
C ARG A 426 -29.09 -20.90 3.08
N VAL A 427 -28.16 -20.35 2.28
CA VAL A 427 -27.44 -21.16 1.29
C VAL A 427 -26.37 -22.08 1.91
N GLY A 428 -25.58 -21.53 2.83
CA GLY A 428 -24.52 -22.24 3.53
C GLY A 428 -25.04 -23.39 4.37
N ASP A 429 -26.18 -23.18 5.05
CA ASP A 429 -26.80 -24.24 5.84
C ASP A 429 -27.24 -25.38 4.94
N GLY A 430 -27.78 -25.06 3.76
CA GLY A 430 -28.20 -26.07 2.79
C GLY A 430 -27.02 -26.86 2.26
N VAL A 431 -25.88 -26.19 2.02
CA VAL A 431 -24.64 -26.82 1.59
C VAL A 431 -24.18 -27.82 2.67
N GLN A 432 -24.10 -27.36 3.91
CA GLN A 432 -23.68 -28.23 5.02
C GLN A 432 -24.67 -29.39 5.27
N ARG A 433 -25.98 -29.15 5.12
CA ARG A 433 -26.98 -30.21 5.32
C ARG A 433 -26.84 -31.28 4.23
N ASN A 434 -26.87 -30.85 2.96
CA ASN A 434 -26.77 -31.76 1.83
C ASN A 434 -25.42 -32.48 1.73
N HIS A 435 -24.30 -31.82 2.09
CA HIS A 435 -22.98 -32.46 2.02
C HIS A 435 -22.45 -32.91 3.37
N GLU A 436 -23.32 -33.10 4.38
CA GLU A 436 -22.95 -33.50 5.73
C GLU A 436 -22.04 -34.73 5.80
N THR A 437 -22.46 -35.85 5.18
CA THR A 437 -21.65 -37.06 5.16
C THR A 437 -20.32 -36.81 4.45
N ALA A 438 -20.36 -36.18 3.27
CA ALA A 438 -19.15 -35.87 2.49
C ALA A 438 -18.17 -34.93 3.21
N PHE A 439 -18.69 -34.00 4.02
CA PHE A 439 -17.90 -33.04 4.80
C PHE A 439 -17.30 -33.73 6.02
N GLN A 440 -18.08 -34.62 6.65
CA GLN A 440 -17.62 -35.40 7.79
C GLN A 440 -16.44 -36.31 7.39
N GLY A 441 -16.50 -36.86 6.18
CA GLY A 441 -15.45 -37.71 5.64
C GLY A 441 -14.16 -36.95 5.40
N MET A 442 -14.27 -35.76 4.79
CA MET A 442 -13.12 -34.89 4.52
C MET A 442 -12.51 -34.37 5.83
N LEU A 443 -13.34 -34.11 6.84
CA LEU A 443 -12.87 -33.64 8.15
C LEU A 443 -12.01 -34.71 8.87
N ARG A 444 -12.21 -36.01 8.56
CA ARG A 444 -11.43 -37.08 9.17
C ARG A 444 -10.03 -37.16 8.57
N LYS A 445 -9.93 -37.11 7.22
CA LYS A 445 -8.65 -37.12 6.50
C LYS A 445 -7.78 -35.95 6.96
N LEU A 446 -8.39 -34.78 7.18
CA LEU A 446 -7.69 -33.63 7.72
C LEU A 446 -7.79 -33.79 9.23
N ASP A 447 -6.87 -34.53 9.84
CA ASP A 447 -6.89 -34.74 11.28
C ASP A 447 -6.60 -33.41 11.98
N ILE A 448 -7.60 -32.86 12.71
CA ILE A 448 -7.45 -31.57 13.39
C ILE A 448 -7.69 -31.70 14.89
N LYS A 449 -6.76 -31.17 15.70
CA LYS A 449 -6.87 -31.20 17.16
C LYS A 449 -6.18 -30.02 17.86
N ASN A 450 -5.43 -29.18 17.11
CA ASN A 450 -4.70 -28.03 17.66
C ASN A 450 -4.50 -26.91 16.60
N GLU A 451 -3.75 -25.83 16.94
CA GLU A 451 -3.49 -24.70 16.03
C GLU A 451 -2.68 -25.07 14.80
N ASP A 452 -1.73 -26.01 14.94
CA ASP A 452 -0.90 -26.43 13.80
C ASP A 452 -1.71 -27.20 12.76
N ASP A 453 -2.72 -27.97 13.21
CA ASP A 453 -3.60 -28.74 12.33
C ASP A 453 -4.55 -27.84 11.51
N VAL A 454 -4.85 -26.63 12.01
CA VAL A 454 -5.69 -25.66 11.30
C VAL A 454 -4.87 -25.00 10.16
N LYS A 455 -3.56 -24.75 10.39
CA LYS A 455 -2.67 -24.15 9.40
C LYS A 455 -2.44 -25.06 8.19
N SER A 456 -2.44 -26.38 8.40
CA SER A 456 -2.26 -27.32 7.29
C SER A 456 -3.57 -27.42 6.47
N LEU A 457 -4.73 -27.37 7.16
CA LEU A 457 -6.05 -27.37 6.55
C LEU A 457 -6.17 -26.12 5.64
N SER A 458 -5.67 -24.97 6.11
CA SER A 458 -5.67 -23.72 5.37
C SER A 458 -4.96 -23.88 4.03
N ARG A 459 -3.77 -24.50 4.03
CA ARG A 459 -3.00 -24.75 2.82
C ARG A 459 -3.80 -25.55 1.79
N VAL A 460 -4.52 -26.59 2.23
CA VAL A 460 -5.32 -27.40 1.33
C VAL A 460 -6.50 -26.58 0.77
N MET A 461 -7.11 -25.73 1.62
CA MET A 461 -8.23 -24.87 1.24
C MET A 461 -7.84 -23.90 0.12
N ILE A 462 -6.71 -23.19 0.28
CA ILE A 462 -6.19 -22.22 -0.67
C ILE A 462 -5.99 -22.83 -2.06
N HIS A 463 -5.49 -24.07 -2.15
CA HIS A 463 -5.27 -24.71 -3.43
C HIS A 463 -6.54 -25.24 -4.08
N VAL A 464 -7.40 -25.90 -3.30
CA VAL A 464 -8.65 -26.45 -3.83
C VAL A 464 -9.57 -25.33 -4.29
N PHE A 465 -9.61 -24.21 -3.55
CA PHE A 465 -10.46 -23.08 -3.94
C PHE A 465 -9.91 -22.42 -5.20
N SER A 466 -8.60 -22.13 -5.19
CA SER A 466 -7.90 -21.48 -6.30
C SER A 466 -7.89 -22.26 -7.61
N ASP A 467 -8.04 -23.59 -7.56
CA ASP A 467 -8.00 -24.41 -8.77
C ASP A 467 -9.25 -24.33 -9.65
N GLY A 468 -10.43 -24.38 -9.05
CA GLY A 468 -11.69 -24.42 -9.80
C GLY A 468 -12.19 -23.10 -10.36
N VAL A 469 -13.43 -23.11 -10.87
CA VAL A 469 -14.09 -21.96 -11.48
C VAL A 469 -14.47 -20.88 -10.43
N THR A 470 -14.62 -19.62 -10.86
CA THR A 470 -15.00 -18.54 -9.97
C THR A 470 -16.50 -18.32 -10.06
N ASN A 471 -17.22 -18.58 -8.99
CA ASN A 471 -18.67 -18.37 -8.90
C ASN A 471 -19.09 -18.36 -7.41
N TRP A 472 -20.30 -17.88 -7.12
CA TRP A 472 -20.76 -17.80 -5.73
C TRP A 472 -20.96 -19.18 -5.08
N GLY A 473 -21.27 -20.21 -5.89
CA GLY A 473 -21.47 -21.55 -5.37
C GLY A 473 -20.23 -22.12 -4.69
N ARG A 474 -19.08 -21.98 -5.37
CA ARG A 474 -17.79 -22.43 -4.87
C ARG A 474 -17.33 -21.57 -3.70
N ILE A 475 -17.65 -20.26 -3.72
CA ILE A 475 -17.32 -19.39 -2.60
C ILE A 475 -18.11 -19.81 -1.37
N VAL A 476 -19.42 -20.11 -1.53
CA VAL A 476 -20.25 -20.58 -0.42
C VAL A 476 -19.70 -21.91 0.09
N THR A 477 -19.26 -22.81 -0.81
CA THR A 477 -18.71 -24.10 -0.38
C THR A 477 -17.49 -23.93 0.52
N LEU A 478 -16.54 -23.08 0.10
CA LEU A 478 -15.34 -22.74 0.87
C LEU A 478 -15.71 -22.24 2.28
N ILE A 479 -16.68 -21.31 2.35
CA ILE A 479 -17.10 -20.73 3.64
C ILE A 479 -17.89 -21.73 4.49
N SER A 480 -18.76 -22.55 3.87
CA SER A 480 -19.60 -23.55 4.55
C SER A 480 -18.72 -24.65 5.13
N PHE A 481 -17.67 -25.07 4.41
CA PHE A 481 -16.74 -26.04 4.95
C PHE A 481 -15.96 -25.43 6.11
N GLY A 482 -15.68 -24.13 6.07
CA GLY A 482 -15.02 -23.44 7.16
C GLY A 482 -15.92 -23.38 8.38
N ALA A 483 -17.24 -23.21 8.19
CA ALA A 483 -18.22 -23.24 9.28
C ALA A 483 -18.32 -24.68 9.84
N PHE A 484 -18.27 -25.69 8.96
CA PHE A 484 -18.31 -27.10 9.35
C PHE A 484 -17.08 -27.40 10.23
N VAL A 485 -15.91 -26.88 9.87
CA VAL A 485 -14.68 -27.03 10.64
C VAL A 485 -14.73 -26.23 11.97
N ALA A 486 -15.29 -25.01 11.93
CA ALA A 486 -15.42 -24.19 13.14
C ALA A 486 -16.30 -24.88 14.20
N LYS A 487 -17.33 -25.65 13.77
CA LYS A 487 -18.19 -26.39 14.70
C LYS A 487 -17.35 -27.43 15.45
N HIS A 488 -16.46 -28.14 14.72
CA HIS A 488 -15.52 -29.14 15.21
C HIS A 488 -14.52 -28.49 16.18
N LEU A 489 -14.02 -27.30 15.84
CA LEU A 489 -13.10 -26.57 16.70
C LEU A 489 -13.74 -26.17 18.03
N LYS A 490 -15.05 -25.90 18.05
CA LYS A 490 -15.73 -25.52 19.31
C LYS A 490 -15.88 -26.73 20.28
N THR A 491 -16.23 -27.91 19.74
CA THR A 491 -16.43 -29.11 20.54
C THR A 491 -15.10 -29.69 21.05
N ILE A 492 -14.02 -29.54 20.27
CA ILE A 492 -12.67 -30.00 20.63
C ILE A 492 -11.88 -28.96 21.50
N ASN A 493 -12.59 -27.96 22.07
CA ASN A 493 -12.07 -26.88 22.92
C ASN A 493 -10.98 -26.03 22.24
N GLN A 494 -11.04 -25.90 20.91
CA GLN A 494 -10.10 -25.08 20.12
C GLN A 494 -10.81 -23.89 19.47
N GLU A 495 -11.74 -23.24 20.21
CA GLU A 495 -12.50 -22.09 19.74
C GLU A 495 -11.59 -20.89 19.34
N SER A 496 -10.39 -20.82 19.93
CA SER A 496 -9.42 -19.76 19.60
C SER A 496 -8.85 -19.90 18.17
N CYS A 497 -9.01 -21.07 17.53
CA CYS A 497 -8.56 -21.30 16.16
C CYS A 497 -9.60 -20.80 15.12
N ILE A 498 -10.84 -20.48 15.55
CA ILE A 498 -11.91 -20.09 14.63
C ILE A 498 -11.62 -18.75 13.94
N GLU A 499 -11.34 -17.67 14.68
CA GLU A 499 -11.03 -16.38 14.05
C GLU A 499 -9.84 -16.46 13.04
N PRO A 500 -8.69 -17.10 13.36
CA PRO A 500 -7.63 -17.24 12.34
C PRO A 500 -8.11 -18.01 11.12
N LEU A 501 -8.99 -19.04 11.30
CA LEU A 501 -9.53 -19.76 10.15
C LEU A 501 -10.38 -18.80 9.26
N ALA A 502 -11.18 -17.94 9.90
CA ALA A 502 -12.01 -16.96 9.17
C ALA A 502 -11.10 -15.99 8.37
N GLU A 503 -10.01 -15.54 8.98
CA GLU A 503 -9.06 -14.66 8.32
C GLU A 503 -8.39 -15.34 7.13
N SER A 504 -8.08 -16.63 7.28
CA SER A 504 -7.45 -17.40 6.22
C SER A 504 -8.41 -17.57 5.01
N ILE A 505 -9.68 -17.85 5.27
CA ILE A 505 -10.69 -18.01 4.22
C ILE A 505 -10.89 -16.65 3.53
N THR A 506 -11.01 -15.58 4.32
CA THR A 506 -11.19 -14.23 3.81
C THR A 506 -10.03 -13.82 2.88
N ASP A 507 -8.78 -14.07 3.33
CA ASP A 507 -7.58 -13.73 2.55
C ASP A 507 -7.55 -14.36 1.18
N VAL A 508 -7.74 -15.69 1.05
CA VAL A 508 -7.71 -16.32 -0.26
C VAL A 508 -8.87 -15.86 -1.14
N LEU A 509 -10.04 -15.60 -0.53
CA LEU A 509 -11.18 -15.10 -1.27
C LEU A 509 -10.90 -13.70 -1.85
N VAL A 510 -10.54 -12.73 -1.03
CA VAL A 510 -10.33 -11.35 -1.50
C VAL A 510 -9.09 -11.21 -2.37
N ARG A 511 -8.04 -12.02 -2.13
CA ARG A 511 -6.82 -11.94 -2.94
C ARG A 511 -6.98 -12.58 -4.32
N THR A 512 -7.43 -13.84 -4.40
CA THR A 512 -7.55 -14.53 -5.67
C THR A 512 -8.76 -14.12 -6.50
N LYS A 513 -9.86 -13.68 -5.86
CA LYS A 513 -11.07 -13.32 -6.63
C LYS A 513 -11.39 -11.83 -6.66
N ARG A 514 -10.44 -10.99 -6.29
CA ARG A 514 -10.56 -9.54 -6.24
C ARG A 514 -11.36 -8.89 -7.40
N ASP A 515 -10.90 -9.08 -8.66
CA ASP A 515 -11.52 -8.48 -9.84
C ASP A 515 -12.95 -8.95 -10.05
N TRP A 516 -13.18 -10.26 -9.96
CA TRP A 516 -14.52 -10.81 -10.13
C TRP A 516 -15.47 -10.27 -9.04
N LEU A 517 -14.99 -10.22 -7.79
CA LEU A 517 -15.75 -9.71 -6.66
C LEU A 517 -16.22 -8.27 -6.89
N VAL A 518 -15.30 -7.39 -7.31
CA VAL A 518 -15.61 -6.00 -7.58
C VAL A 518 -16.60 -5.89 -8.76
N LYS A 519 -16.43 -6.69 -9.81
CA LYS A 519 -17.37 -6.69 -10.93
C LYS A 519 -18.77 -7.14 -10.52
N GLN A 520 -18.88 -7.96 -9.46
CA GLN A 520 -20.20 -8.36 -8.94
C GLN A 520 -20.78 -7.37 -7.96
N ARG A 521 -20.14 -6.21 -7.72
CA ARG A 521 -20.56 -5.24 -6.70
C ARG A 521 -20.44 -5.86 -5.28
N GLY A 522 -19.39 -6.68 -5.10
CA GLY A 522 -19.08 -7.36 -3.87
C GLY A 522 -20.19 -8.22 -3.32
N TRP A 523 -20.40 -8.11 -2.01
CA TRP A 523 -21.41 -8.90 -1.31
C TRP A 523 -22.84 -8.51 -1.69
N ASP A 524 -23.05 -7.32 -2.30
CA ASP A 524 -24.39 -7.00 -2.83
C ASP A 524 -24.78 -7.92 -3.97
N GLY A 525 -23.81 -8.30 -4.79
CA GLY A 525 -24.02 -9.23 -5.88
C GLY A 525 -24.35 -10.63 -5.41
N PHE A 526 -23.79 -11.00 -4.25
CA PHE A 526 -24.05 -12.30 -3.64
C PHE A 526 -25.52 -12.35 -3.21
N VAL A 527 -26.00 -11.31 -2.53
CA VAL A 527 -27.39 -11.18 -2.07
C VAL A 527 -28.35 -11.21 -3.28
N GLU A 528 -27.99 -10.52 -4.38
CA GLU A 528 -28.79 -10.50 -5.60
C GLU A 528 -28.84 -11.90 -6.25
N PHE A 529 -27.67 -12.56 -6.39
CA PHE A 529 -27.57 -13.86 -7.03
C PHE A 529 -28.45 -14.90 -6.33
N PHE A 530 -28.46 -14.90 -4.99
CA PHE A 530 -29.28 -15.88 -4.26
C PHE A 530 -30.64 -15.37 -3.81
N HIS A 531 -31.11 -14.23 -4.36
CA HIS A 531 -32.39 -13.67 -3.96
C HIS A 531 -33.57 -14.54 -4.41
C1 GLC B . 8.05 6.36 -5.11
C2 GLC B . 7.72 6.32 -3.59
C3 GLC B . 6.67 5.27 -3.28
C4 GLC B . 5.47 5.39 -4.22
C5 GLC B . 5.89 5.32 -5.68
C6 GLC B . 4.73 5.58 -6.62
O1 GLC B . 8.83 5.33 -5.45
O2 GLC B . 8.91 5.99 -2.88
O3 GLC B . 6.25 5.47 -1.93
O4 GLC B . 4.57 4.31 -3.95
O5 GLC B . 6.85 6.36 -5.92
O6 GLC B . 5.07 5.27 -7.97
C1 GLC B . 3.44 4.62 -3.15
C2 GLC B . 3.27 3.51 -2.13
C3 GLC B . 3.01 2.21 -2.87
C4 GLC B . 1.78 2.36 -3.78
C5 GLC B . 1.94 3.55 -4.72
C6 GLC B . 0.67 3.89 -5.46
O2 GLC B . 4.43 3.42 -1.31
O3 GLC B . 2.88 1.13 -1.95
O4 GLC B . 1.57 1.19 -4.56
O5 GLC B . 2.28 4.73 -3.96
O6 GLC B . 0.94 4.73 -6.58
N1 WLW C . -15.79 -33.71 -2.28
N3 WLW C . -15.90 -40.24 -3.44
C4 WLW C . -24.65 -23.40 -3.14
C5 WLW C . -23.58 -24.19 -3.52
C6 WLW C . -23.38 -24.52 -4.86
C7 WLW C . -22.16 -25.31 -5.23
C8 WLW C . -20.24 -25.46 -6.44
C10 WLW C . -20.69 -27.00 -4.72
C13 WLW C . -19.07 -30.09 -2.02
C15 WLW C . -17.58 -31.98 -2.24
C17 WLW C . -15.69 -35.03 -2.93
C20 WLW C . -15.33 -39.19 -4.28
C21 WLW C . -15.33 -41.55 -3.80
C22 WLW C . -15.66 -39.95 -2.04
C24 WLW C . -14.77 -33.52 -1.23
C26 WLW C . -13.64 -31.49 -2.18
C28 WLW C . -13.79 -29.33 -1.14
F WLW C . -8.90 -29.95 3.21
C46 WLW C . -9.82 -29.36 2.39
C45 WLW C . -10.47 -28.24 2.83
C44 WLW C . -11.34 -27.61 1.96
C47 WLW C . -10.03 -29.90 1.15
C48 WLW C . -10.90 -29.26 0.29
C43 WLW C . -11.56 -28.10 0.69
C33 WLW C . -12.45 -27.39 -0.26
S WLW C . -12.25 -25.67 -0.36
C34 WLW C . -13.42 -25.58 -1.66
C42 WLW C . -13.94 -26.83 -1.98
C32 WLW C . -13.39 -27.89 -1.13
C27 WLW C . -13.35 -30.13 -2.19
C29 WLW C . -14.52 -29.87 -0.07
C30 WLW C . -15.07 -29.00 1.03
C31 WLW C . -14.75 -31.24 -0.10
CL WLW C . -15.60 -31.95 1.24
C25 WLW C . -14.34 -32.07 -1.14
C18 WLW C . -16.26 -36.21 -2.12
N2 WLW C . -15.70 -37.52 -2.50
C23 WLW C . -16.26 -38.59 -1.66
C19 WLW C . -15.93 -37.83 -3.92
C16 WLW C . -17.14 -33.36 -1.80
C36 WLW C . -14.87 -26.75 -3.05
N5 WLW C . -15.24 -25.61 -3.63
C35 WLW C . -14.64 -24.52 -3.18
N4 WLW C . -13.74 -24.42 -2.21
O2 WLW C . -15.36 -27.93 -3.52
C37 WLW C . -16.14 -28.04 -4.71
C41 WLW C . -15.37 -27.55 -5.93
O4 WLW C . -16.13 -27.04 -6.86
O3 WLW C . -14.15 -27.62 -5.98
C38 WLW C . -16.60 -29.48 -4.90
C39 WLW C . -17.41 -30.12 -3.78
C40 WLW C . -16.99 -31.36 -3.33
C14 WLW C . -18.60 -31.33 -1.58
C12 WLW C . -18.48 -29.50 -3.14
O1 WLW C . -18.94 -28.35 -3.70
C11 WLW C . -20.37 -28.18 -3.86
C9 WLW C . -19.83 -26.55 -5.72
N WLW C . -21.40 -24.82 -6.22
N6 WLW C . -21.87 -26.39 -4.47
C1 WLW C . -24.30 -24.05 -5.81
O WLW C . -24.09 -24.45 -7.09
C WLW C . -25.04 -24.06 -8.09
C3 WLW C . -25.54 -22.94 -4.08
C2 WLW C . -25.38 -23.26 -5.42
#